data_7Y5J
#
_entry.id   7Y5J
#
_cell.length_a   64.773
_cell.length_b   64.773
_cell.length_c   113.046
_cell.angle_alpha   90.000
_cell.angle_beta   90.000
_cell.angle_gamma   120.000
#
_symmetry.space_group_name_H-M   'P 65 2 2'
#
loop_
_entity.id
_entity.type
_entity.pdbx_description
1 polymer 'Down Syndrome Cell Adhesion Molecules'
2 water water
#
_entity_poly.entity_id   1
_entity_poly.type   'polypeptide(L)'
_entity_poly.pdbx_seq_one_letter_code
;GASGSDFPVISPFTFPTNVRLGEQVRVFCTVRRGNPPFSFAWFKEGEKLITGQHIEVENTDKYTSKLGILNVSTLDIGNY
TCEITNQDGKDSATSRLIVEAP
;
_entity_poly.pdbx_strand_id   A
#
# COMPACT_ATOMS: atom_id res chain seq x y z
N ASP A 6 -10.83 -4.55 -19.74
CA ASP A 6 -11.27 -4.99 -18.42
C ASP A 6 -10.80 -3.99 -17.36
N PHE A 7 -11.73 -3.55 -16.52
CA PHE A 7 -11.42 -2.56 -15.50
C PHE A 7 -10.58 -3.18 -14.39
N PRO A 8 -9.47 -2.57 -13.99
CA PRO A 8 -8.61 -3.20 -12.99
C PRO A 8 -9.20 -3.12 -11.60
N VAL A 9 -8.89 -4.13 -10.79
CA VAL A 9 -9.46 -4.27 -9.45
C VAL A 9 -8.37 -4.74 -8.49
N ILE A 10 -8.20 -4.00 -7.38
CA ILE A 10 -7.23 -4.35 -6.34
C ILE A 10 -7.84 -5.39 -5.42
N SER A 11 -7.04 -6.35 -5.00
CA SER A 11 -7.46 -7.26 -3.93
C SER A 11 -7.37 -6.53 -2.60
N PRO A 12 -8.42 -6.55 -1.79
CA PRO A 12 -8.36 -5.84 -0.51
C PRO A 12 -7.15 -6.28 0.30
N PHE A 13 -6.59 -5.35 1.07
CA PHE A 13 -5.48 -5.64 1.96
C PHE A 13 -5.81 -5.12 3.34
N THR A 14 -5.13 -5.67 4.33
CA THR A 14 -5.30 -5.26 5.72
C THR A 14 -3.95 -5.29 6.43
N PHE A 15 -3.74 -4.35 7.34
CA PHE A 15 -2.57 -4.38 8.19
C PHE A 15 -2.78 -5.45 9.27
N PRO A 16 -1.70 -5.94 9.86
CA PRO A 16 -1.84 -6.88 10.98
C PRO A 16 -2.57 -6.24 12.15
N THR A 17 -3.16 -7.08 12.99
CA THR A 17 -4.08 -6.58 14.01
C THR A 17 -3.43 -6.32 15.36
N ASN A 18 -2.19 -6.72 15.56
CA ASN A 18 -1.54 -6.60 16.86
C ASN A 18 -0.18 -5.94 16.73
N VAL A 19 -0.10 -4.90 15.90
CA VAL A 19 1.18 -4.25 15.65
C VAL A 19 1.63 -3.49 16.89
N ARG A 20 2.89 -3.71 17.29
CA ARG A 20 3.49 -3.02 18.42
C ARG A 20 4.63 -2.11 17.94
N LEU A 21 4.95 -1.13 18.77
CA LEU A 21 6.01 -0.19 18.48
C LEU A 21 7.31 -0.93 18.13
N GLY A 22 7.99 -0.45 17.11
CA GLY A 22 9.28 -0.99 16.72
C GLY A 22 9.23 -2.15 15.77
N GLU A 23 8.05 -2.69 15.49
CA GLU A 23 7.95 -3.79 14.55
C GLU A 23 8.05 -3.26 13.12
N GLN A 24 8.24 -4.19 12.19
CA GLN A 24 8.19 -3.91 10.76
C GLN A 24 6.83 -4.35 10.24
N VAL A 25 6.27 -3.58 9.31
CA VAL A 25 4.98 -3.85 8.70
C VAL A 25 5.15 -3.78 7.19
N ARG A 26 4.71 -4.82 6.48
CA ARG A 26 4.71 -4.84 5.02
C ARG A 26 3.32 -5.25 4.56
N VAL A 27 2.73 -4.47 3.65
CA VAL A 27 1.46 -4.82 3.04
C VAL A 27 1.62 -4.74 1.53
N PHE A 28 0.74 -5.46 0.83
CA PHE A 28 0.86 -5.65 -0.61
C PHE A 28 -0.44 -5.29 -1.30
N CYS A 29 -0.32 -4.44 -2.31
CA CYS A 29 -1.41 -4.01 -3.19
C CYS A 29 -1.25 -4.78 -4.50
N THR A 30 -2.11 -5.78 -4.73
CA THR A 30 -1.98 -6.64 -5.90
C THR A 30 -3.27 -6.60 -6.69
N VAL A 31 -3.11 -6.73 -8.00
CA VAL A 31 -4.21 -6.62 -8.96
C VAL A 31 -4.73 -8.01 -9.27
N ARG A 32 -6.02 -8.21 -9.05
CA ARG A 32 -6.64 -9.50 -9.35
C ARG A 32 -7.27 -9.55 -10.74
N ARG A 33 -7.80 -8.43 -11.23
CA ARG A 33 -8.32 -8.35 -12.59
C ARG A 33 -7.74 -7.10 -13.25
N GLY A 34 -7.45 -7.21 -14.54
CA GLY A 34 -6.94 -6.08 -15.30
C GLY A 34 -5.57 -6.34 -15.87
N ASN A 35 -5.19 -5.64 -16.92
CA ASN A 35 -3.96 -5.99 -17.60
C ASN A 35 -2.87 -4.96 -17.39
N PRO A 36 -1.65 -5.41 -17.12
CA PRO A 36 -0.52 -4.50 -17.02
C PRO A 36 -0.22 -3.85 -18.35
N PRO A 37 0.56 -2.76 -18.37
CA PRO A 37 1.27 -2.17 -17.24
C PRO A 37 0.40 -1.27 -16.37
N PHE A 38 0.66 -1.33 -15.06
CA PHE A 38 -0.01 -0.50 -14.09
C PHE A 38 0.95 0.52 -13.49
N SER A 39 0.39 1.66 -13.11
CA SER A 39 1.00 2.53 -12.11
C SER A 39 0.47 2.15 -10.74
N PHE A 40 1.36 2.12 -9.74
CA PHE A 40 1.01 1.91 -8.35
C PHE A 40 1.40 3.16 -7.57
N ALA A 41 0.49 3.66 -6.75
CA ALA A 41 0.79 4.82 -5.91
C ALA A 41 0.21 4.58 -4.52
N TRP A 42 0.99 4.91 -3.51
CA TRP A 42 0.55 4.82 -2.13
C TRP A 42 0.40 6.20 -1.54
N PHE A 43 -0.60 6.35 -0.66
CA PHE A 43 -0.91 7.61 0.00
C PHE A 43 -1.16 7.33 1.47
N LYS A 44 -0.72 8.25 2.32
CA LYS A 44 -1.14 8.22 3.72
C LYS A 44 -2.08 9.40 3.91
N GLU A 45 -3.32 9.10 4.25
CA GLU A 45 -4.36 10.10 4.10
C GLU A 45 -4.30 10.59 2.66
N GLY A 46 -3.72 11.77 2.43
CA GLY A 46 -3.66 12.33 1.08
C GLY A 46 -2.30 12.59 0.47
N GLU A 47 -1.22 12.33 1.20
CA GLU A 47 0.13 12.60 0.70
C GLU A 47 0.72 11.36 0.05
N LYS A 48 1.36 11.55 -1.10
CA LYS A 48 2.02 10.46 -1.81
C LYS A 48 3.24 9.97 -1.04
N LEU A 49 3.33 8.67 -0.85
CA LEU A 49 4.46 8.05 -0.16
C LEU A 49 5.49 7.52 -1.15
N ILE A 50 6.77 7.76 -0.85
CA ILE A 50 7.85 7.21 -1.64
C ILE A 50 8.93 6.70 -0.72
N THR A 51 9.79 5.84 -1.27
CA THR A 51 10.86 5.26 -0.48
C THR A 51 11.74 6.36 0.12
N GLY A 52 12.02 6.22 1.39
CA GLY A 52 12.81 7.18 2.14
C GLY A 52 12.49 7.05 3.61
N GLN A 53 13.39 7.59 4.43
CA GLN A 53 13.26 7.46 5.88
C GLN A 53 13.12 5.99 6.21
N HIS A 54 12.05 5.63 6.90
CA HIS A 54 11.78 4.25 7.30
C HIS A 54 10.79 3.55 6.38
N ILE A 55 10.44 4.16 5.25
CA ILE A 55 9.39 3.66 4.37
C ILE A 55 10.00 3.15 3.07
N GLU A 56 9.41 2.07 2.57
CA GLU A 56 9.80 1.45 1.31
C GLU A 56 8.53 1.32 0.47
N VAL A 57 8.57 1.82 -0.77
CA VAL A 57 7.49 1.60 -1.72
C VAL A 57 8.12 1.02 -2.97
N GLU A 58 7.68 -0.18 -3.35
CA GLU A 58 8.44 -0.97 -4.31
C GLU A 58 7.48 -1.81 -5.15
N ASN A 59 7.68 -1.79 -6.46
CA ASN A 59 6.96 -2.73 -7.32
C ASN A 59 7.61 -4.10 -7.14
N THR A 60 6.82 -5.08 -6.72
CA THR A 60 7.21 -6.45 -6.43
C THR A 60 7.14 -7.33 -7.67
N ASP A 61 6.10 -7.14 -8.48
CA ASP A 61 5.96 -7.79 -9.77
C ASP A 61 5.05 -6.89 -10.59
N LYS A 62 4.71 -7.33 -11.81
CA LYS A 62 3.94 -6.46 -12.69
C LYS A 62 2.53 -6.21 -12.17
N TYR A 63 2.09 -6.95 -11.16
CA TYR A 63 0.75 -6.82 -10.62
C TYR A 63 0.72 -6.33 -9.18
N THR A 64 1.87 -6.00 -8.59
CA THR A 64 1.93 -5.84 -7.15
C THR A 64 2.87 -4.71 -6.73
N SER A 65 2.43 -3.93 -5.74
CA SER A 65 3.26 -2.95 -5.07
C SER A 65 3.30 -3.22 -3.56
N LYS A 66 4.49 -3.12 -2.97
CA LYS A 66 4.67 -3.28 -1.54
C LYS A 66 4.87 -1.93 -0.87
N LEU A 67 4.20 -1.76 0.27
CA LEU A 67 4.49 -0.71 1.22
C LEU A 67 5.12 -1.34 2.45
N GLY A 68 6.34 -0.92 2.78
CA GLY A 68 7.01 -1.37 3.99
C GLY A 68 7.29 -0.22 4.91
N ILE A 69 7.04 -0.43 6.20
CA ILE A 69 7.25 0.57 7.25
C ILE A 69 8.09 -0.06 8.35
N LEU A 70 9.30 0.45 8.54
CA LEU A 70 10.20 -0.11 9.54
C LEU A 70 10.11 0.68 10.85
N ASN A 71 10.38 0.00 11.95
CA ASN A 71 10.45 0.62 13.27
C ASN A 71 9.22 1.48 13.54
N VAL A 72 8.05 0.85 13.42
CA VAL A 72 6.80 1.60 13.43
C VAL A 72 6.65 2.38 14.73
N SER A 73 6.06 3.56 14.60
CA SER A 73 5.85 4.48 15.70
C SER A 73 4.39 4.89 15.73
N THR A 74 3.99 5.62 16.78
CA THR A 74 2.63 6.12 16.82
C THR A 74 2.37 7.09 15.67
N LEU A 75 3.43 7.74 15.16
CA LEU A 75 3.30 8.65 14.03
C LEU A 75 2.86 7.92 12.76
N ASP A 76 3.01 6.59 12.72
CA ASP A 76 2.63 5.82 11.55
C ASP A 76 1.18 5.39 11.56
N ILE A 77 0.47 5.58 12.67
CA ILE A 77 -0.95 5.28 12.70
C ILE A 77 -1.66 6.11 11.64
N GLY A 78 -2.58 5.48 10.92
CA GLY A 78 -3.37 6.22 9.95
C GLY A 78 -3.90 5.33 8.84
N ASN A 79 -4.56 6.00 7.90
CA ASN A 79 -5.15 5.34 6.75
C ASN A 79 -4.19 5.37 5.58
N TYR A 80 -3.97 4.21 4.97
CA TYR A 80 -3.08 4.06 3.84
C TYR A 80 -3.87 3.58 2.64
N THR A 81 -3.67 4.24 1.51
CA THR A 81 -4.41 3.95 0.29
C THR A 81 -3.45 3.61 -0.83
N CYS A 82 -3.76 2.55 -1.55
CA CYS A 82 -3.08 2.20 -2.78
C CYS A 82 -4.00 2.49 -3.95
N GLU A 83 -3.49 3.19 -4.95
CA GLU A 83 -4.22 3.45 -6.19
C GLU A 83 -3.48 2.78 -7.32
N ILE A 84 -4.20 1.99 -8.12
CA ILE A 84 -3.63 1.36 -9.31
C ILE A 84 -4.33 1.94 -10.54
N THR A 85 -3.55 2.20 -11.58
CA THR A 85 -4.06 2.79 -12.80
C THR A 85 -3.44 2.08 -13.99
N ASN A 86 -4.26 1.71 -14.97
CA ASN A 86 -3.72 1.28 -16.26
C ASN A 86 -4.45 2.05 -17.36
N GLN A 87 -4.19 1.69 -18.60
CA GLN A 87 -4.80 2.43 -19.71
C GLN A 87 -6.32 2.34 -19.71
N ASP A 88 -6.91 1.40 -18.99
CA ASP A 88 -8.34 1.17 -19.02
C ASP A 88 -9.11 1.74 -17.84
N GLY A 89 -8.44 2.09 -16.74
CA GLY A 89 -9.14 2.65 -15.61
C GLY A 89 -8.29 2.65 -14.36
N LYS A 90 -8.95 2.84 -13.23
CA LYS A 90 -8.27 2.99 -11.95
C LYS A 90 -9.07 2.29 -10.87
N ASP A 91 -8.38 1.90 -9.80
CA ASP A 91 -9.03 1.40 -8.61
C ASP A 91 -8.21 1.85 -7.41
N SER A 92 -8.83 1.80 -6.24
CA SER A 92 -8.23 2.26 -4.99
C SER A 92 -8.67 1.33 -3.86
N ALA A 93 -7.73 1.03 -2.96
CA ALA A 93 -8.01 0.23 -1.77
C ALA A 93 -7.34 0.89 -0.58
N THR A 94 -8.00 0.80 0.57
CA THR A 94 -7.48 1.42 1.79
C THR A 94 -7.51 0.43 2.94
N SER A 95 -6.72 0.75 3.96
CA SER A 95 -6.79 0.05 5.23
C SER A 95 -6.12 0.92 6.27
N ARG A 96 -6.49 0.71 7.53
CA ARG A 96 -5.97 1.53 8.62
C ARG A 96 -4.93 0.76 9.42
N LEU A 97 -3.79 1.41 9.66
CA LEU A 97 -2.74 0.87 10.52
C LEU A 97 -2.93 1.40 11.94
N ILE A 98 -3.08 0.48 12.89
CA ILE A 98 -3.19 0.78 14.30
C ILE A 98 -1.99 0.17 15.00
N VAL A 99 -1.38 0.92 15.92
CA VAL A 99 -0.14 0.50 16.57
C VAL A 99 -0.35 0.48 18.07
N GLU A 100 0.21 -0.53 18.73
CA GLU A 100 0.24 -0.63 20.18
C GLU A 100 -1.16 -0.74 20.77
#